data_4D5H
#
_entry.id   4D5H
#
_cell.length_a   44.892
_cell.length_b   123.587
_cell.length_c   50.803
_cell.angle_alpha   90.00
_cell.angle_beta   95.00
_cell.angle_gamma   90.00
#
_symmetry.space_group_name_H-M   'P 1 21 1'
#
loop_
_entity.id
_entity.type
_entity.pdbx_description
1 polymer 'FOCAL ADHESION KINASE 1'
2 non-polymer 6-methyl-5-{[3-(trifluoromethyl)phenyl]amino}-1,2,4-triazin-3(4H)-one
3 non-polymer 'SULFATE ION'
4 water water
#
_entity_poly.entity_id   1
_entity_poly.type   'polypeptide(L)'
_entity_poly.pdbx_seq_one_letter_code
;STRDYEIQRERIELGRCIGEGQFGDVHQGIYMSPENPAMAVAIKTCKNCTSDSVREKFLQEALTMRQFDHPHIVKLIGVI
TENPVWIIMELCTLGELRSFLQVRKFSLDLASLILYAYQLSTALAYLESKRFVHRDIAARNVLVSATDCVKLGDFGLSRY
MEDSTYYKASKGKLPIKWMAPESINFRRFTSASDVWMFGVCMWEILMHGVKPFQGVKNNDVIGRIENGERLPMPPNCPPT
LYSLMTKCWAYDPSRRPRFTELKAQLSTILEEEKLQ
;
_entity_poly.pdbx_strand_id   A,B
#
loop_
_chem_comp.id
_chem_comp.type
_chem_comp.name
_chem_comp.formula
9RM non-polymer 6-methyl-5-{[3-(trifluoromethyl)phenyl]amino}-1,2,4-triazin-3(4H)-one 'C11 H9 F3 N4 O'
SO4 non-polymer 'SULFATE ION' 'O4 S -2'
#
# COMPACT_ATOMS: atom_id res chain seq x y z
N TYR A 5 19.87 -23.20 3.58
CA TYR A 5 18.84 -22.18 3.15
C TYR A 5 19.38 -20.76 2.92
N GLU A 6 20.63 -20.50 3.26
CA GLU A 6 21.23 -19.19 2.97
C GLU A 6 21.47 -19.05 1.46
N ILE A 7 21.05 -17.90 0.91
CA ILE A 7 21.18 -17.62 -0.51
C ILE A 7 22.08 -16.39 -0.68
N GLN A 8 23.01 -16.48 -1.63
CA GLN A 8 23.90 -15.35 -1.94
C GLN A 8 23.07 -14.24 -2.55
N ARG A 9 23.19 -13.02 -2.03
CA ARG A 9 22.46 -11.88 -2.59
C ARG A 9 22.65 -11.67 -4.09
N GLU A 10 23.85 -11.93 -4.60
CA GLU A 10 24.14 -11.80 -6.03
C GLU A 10 23.26 -12.73 -6.91
N ARG A 11 22.73 -13.81 -6.34
CA ARG A 11 21.79 -14.72 -7.04
C ARG A 11 20.34 -14.19 -7.14
N ILE A 12 20.05 -13.09 -6.46
CA ILE A 12 18.71 -12.54 -6.46
C ILE A 12 18.68 -11.25 -7.27
N GLU A 13 17.74 -11.16 -8.21
CA GLU A 13 17.46 -9.91 -8.88
C GLU A 13 16.13 -9.41 -8.38
N LEU A 14 16.19 -8.33 -7.60
CA LEU A 14 15.02 -7.74 -7.02
C LEU A 14 14.22 -7.06 -8.12
N GLY A 15 12.95 -7.40 -8.20
CA GLY A 15 12.02 -6.82 -9.12
C GLY A 15 11.04 -5.88 -8.40
N ARG A 16 9.89 -5.75 -9.03
CA ARG A 16 8.82 -4.82 -8.70
C ARG A 16 8.19 -5.13 -7.34
N CYS A 17 7.78 -4.08 -6.64
CA CYS A 17 7.03 -4.26 -5.39
C CYS A 17 5.64 -4.78 -5.71
N ILE A 18 5.28 -5.89 -5.09
CA ILE A 18 4.00 -6.54 -5.34
C ILE A 18 3.02 -6.25 -4.22
N GLY A 19 3.50 -5.99 -3.02
CA GLY A 19 2.62 -5.66 -1.93
C GLY A 19 3.33 -5.28 -0.65
N GLU A 20 2.53 -5.10 0.40
CA GLU A 20 2.99 -4.68 1.71
C GLU A 20 2.94 -5.88 2.63
N GLY A 21 3.96 -6.08 3.45
CA GLY A 21 3.95 -7.16 4.46
C GLY A 21 3.97 -6.56 5.85
N GLN A 22 3.81 -7.39 6.87
CA GLN A 22 3.86 -6.91 8.23
C GLN A 22 5.17 -6.22 8.55
N PHE A 23 6.28 -6.71 8.00
CA PHE A 23 7.59 -6.16 8.35
C PHE A 23 8.16 -5.21 7.31
N GLY A 24 7.57 -5.16 6.12
CA GLY A 24 8.07 -4.29 5.05
C GLY A 24 7.52 -4.76 3.73
N ASP A 25 7.92 -4.10 2.65
CA ASP A 25 7.41 -4.41 1.30
C ASP A 25 7.85 -5.80 0.81
N VAL A 26 6.98 -6.41 0.01
CA VAL A 26 7.25 -7.67 -0.67
C VAL A 26 7.43 -7.37 -2.15
N HIS A 27 8.46 -7.96 -2.75
CA HIS A 27 8.75 -7.76 -4.16
C HIS A 27 8.69 -9.09 -4.90
N GLN A 28 8.42 -9.03 -6.19
CA GLN A 28 8.70 -10.17 -7.06
CA GLN A 28 8.69 -10.16 -7.07
C GLN A 28 10.17 -10.07 -7.48
N GLY A 29 10.73 -11.19 -7.90
CA GLY A 29 12.11 -11.19 -8.33
C GLY A 29 12.50 -12.46 -9.04
N ILE A 30 13.80 -12.58 -9.35
CA ILE A 30 14.35 -13.77 -9.98
CA ILE A 30 14.35 -13.78 -9.98
C ILE A 30 15.49 -14.31 -9.13
N TYR A 31 15.47 -15.63 -8.94
CA TYR A 31 16.52 -16.34 -8.24
C TYR A 31 17.26 -17.14 -9.31
N MET A 32 18.51 -16.77 -9.54
CA MET A 32 19.37 -17.41 -10.52
C MET A 32 20.14 -18.47 -9.76
N SER A 33 19.59 -19.69 -9.78
CA SER A 33 20.03 -20.80 -8.93
C SER A 33 20.69 -21.91 -9.75
N PRO A 34 21.43 -22.81 -9.08
CA PRO A 34 22.03 -23.91 -9.82
C PRO A 34 20.96 -24.82 -10.38
N GLU A 35 19.91 -25.03 -9.61
CA GLU A 35 18.80 -25.89 -10.01
C GLU A 35 17.91 -25.24 -11.06
N ASN A 36 17.93 -23.91 -11.16
CA ASN A 36 17.04 -23.20 -12.06
C ASN A 36 17.55 -21.79 -12.34
N PRO A 37 18.12 -21.55 -13.54
CA PRO A 37 18.76 -20.24 -13.81
C PRO A 37 17.84 -19.00 -13.76
N ALA A 38 16.53 -19.19 -13.80
CA ALA A 38 15.62 -18.06 -13.70
C ALA A 38 14.32 -18.46 -12.99
N MET A 39 14.42 -18.70 -11.67
CA MET A 39 13.27 -19.07 -10.87
C MET A 39 12.56 -17.80 -10.43
N ALA A 40 11.28 -17.69 -10.76
CA ALA A 40 10.48 -16.56 -10.23
C ALA A 40 10.19 -16.78 -8.74
N VAL A 41 10.40 -15.75 -7.94
CA VAL A 41 10.27 -15.83 -6.48
C VAL A 41 9.62 -14.56 -5.92
N ALA A 42 9.17 -14.65 -4.68
CA ALA A 42 8.78 -13.49 -3.90
C ALA A 42 9.89 -13.20 -2.91
N ILE A 43 10.15 -11.91 -2.69
CA ILE A 43 11.17 -11.46 -1.75
C ILE A 43 10.51 -10.57 -0.69
N LYS A 44 10.54 -11.06 0.54
CA LYS A 44 10.05 -10.31 1.68
C LYS A 44 11.19 -9.50 2.26
N THR A 45 10.94 -8.20 2.44
CA THR A 45 11.92 -7.31 3.05
C THR A 45 11.48 -6.85 4.46
N CYS A 46 12.43 -6.27 5.19
CA CYS A 46 12.20 -5.94 6.59
C CYS A 46 12.78 -4.59 6.91
N LYS A 47 11.93 -3.60 7.11
CA LYS A 47 12.48 -2.29 7.50
C LYS A 47 12.94 -2.41 8.94
N ASN A 48 14.01 -1.71 9.30
CA ASN A 48 14.54 -1.75 10.69
C ASN A 48 15.11 -3.13 11.07
N CYS A 49 15.63 -3.88 10.08
CA CYS A 49 16.19 -5.22 10.33
C CYS A 49 17.52 -5.15 11.08
N THR A 50 18.05 -3.93 11.23
CA THR A 50 19.22 -3.67 12.06
C THR A 50 18.87 -3.76 13.55
N SER A 51 17.59 -3.66 13.90
CA SER A 51 17.14 -3.98 15.25
C SER A 51 17.05 -5.50 15.45
N ASP A 52 17.77 -6.03 16.45
CA ASP A 52 17.84 -7.49 16.70
C ASP A 52 16.47 -8.07 17.00
N SER A 53 15.69 -7.30 17.74
CA SER A 53 14.31 -7.63 18.10
C SER A 53 13.43 -7.90 16.87
N VAL A 54 13.47 -6.96 15.94
CA VAL A 54 12.63 -7.00 14.74
C VAL A 54 13.10 -8.14 13.83
N ARG A 55 14.40 -8.22 13.62
CA ARG A 55 14.98 -9.25 12.76
C ARG A 55 14.70 -10.65 13.28
N GLU A 56 14.80 -10.85 14.59
CA GLU A 56 14.46 -12.15 15.17
C GLU A 56 12.99 -12.54 14.85
N LYS A 57 12.08 -11.59 14.99
CA LYS A 57 10.67 -11.84 14.74
C LYS A 57 10.42 -12.12 13.24
N PHE A 58 11.04 -11.33 12.39
CA PHE A 58 10.95 -11.53 10.93
C PHE A 58 11.42 -12.91 10.50
N LEU A 59 12.63 -13.28 10.91
CA LEU A 59 13.21 -14.53 10.49
C LEU A 59 12.54 -15.77 11.14
N GLN A 60 11.86 -15.55 12.26
CA GLN A 60 11.05 -16.61 12.90
C GLN A 60 9.96 -17.15 11.97
N GLU A 61 9.42 -16.28 11.12
CA GLU A 61 8.47 -16.70 10.10
C GLU A 61 9.08 -17.71 9.15
N ALA A 62 10.32 -17.49 8.73
CA ALA A 62 10.97 -18.38 7.81
C ALA A 62 11.20 -19.74 8.46
N LEU A 63 11.56 -19.70 9.74
CA LEU A 63 11.81 -20.94 10.46
C LEU A 63 10.54 -21.76 10.57
N THR A 64 9.44 -21.06 10.83
CA THR A 64 8.12 -21.68 10.91
C THR A 64 7.74 -22.29 9.58
N MET A 65 7.85 -21.51 8.51
CA MET A 65 7.36 -21.97 7.21
CA MET A 65 7.40 -21.93 7.17
C MET A 65 8.15 -23.19 6.72
N ARG A 66 9.43 -23.25 7.09
CA ARG A 66 10.32 -24.37 6.80
C ARG A 66 9.84 -25.72 7.36
N GLN A 67 9.00 -25.70 8.40
CA GLN A 67 8.54 -26.93 9.03
C GLN A 67 7.39 -27.61 8.28
N PHE A 68 6.79 -26.92 7.31
CA PHE A 68 5.55 -27.39 6.69
C PHE A 68 5.77 -27.82 5.24
N ASP A 69 5.05 -28.87 4.84
CA ASP A 69 5.02 -29.29 3.45
C ASP A 69 3.60 -29.66 3.09
N HIS A 70 2.91 -28.70 2.49
CA HIS A 70 1.53 -28.88 2.12
C HIS A 70 1.17 -28.10 0.85
N PRO A 71 0.31 -28.67 -0.01
CA PRO A 71 -0.04 -28.02 -1.29
C PRO A 71 -0.67 -26.64 -1.15
N HIS A 72 -1.24 -26.34 0.01
CA HIS A 72 -1.93 -25.08 0.21
C HIS A 72 -1.28 -24.24 1.31
N ILE A 73 0.02 -24.44 1.52
CA ILE A 73 0.83 -23.55 2.35
C ILE A 73 2.05 -23.13 1.55
N VAL A 74 2.32 -21.81 1.51
CA VAL A 74 3.41 -21.29 0.70
CA VAL A 74 3.42 -21.29 0.72
C VAL A 74 4.76 -21.84 1.20
N LYS A 75 5.67 -22.13 0.28
CA LYS A 75 6.97 -22.73 0.61
C LYS A 75 8.08 -21.72 0.73
N LEU A 76 8.95 -21.96 1.70
CA LEU A 76 10.20 -21.20 1.86
C LEU A 76 11.22 -21.67 0.83
N ILE A 77 11.91 -20.72 0.17
CA ILE A 77 13.01 -21.02 -0.74
C ILE A 77 14.38 -20.80 -0.09
N GLY A 78 14.52 -19.69 0.63
CA GLY A 78 15.72 -19.47 1.41
C GLY A 78 15.73 -18.10 2.07
N VAL A 79 16.88 -17.77 2.63
CA VAL A 79 17.00 -16.51 3.35
C VAL A 79 18.33 -15.79 3.05
N ILE A 80 18.33 -14.48 3.25
CA ILE A 80 19.56 -13.73 3.20
C ILE A 80 19.65 -13.01 4.53
N THR A 81 20.61 -13.40 5.35
CA THR A 81 20.61 -12.98 6.75
C THR A 81 21.62 -11.88 7.06
N GLU A 82 22.12 -11.22 6.02
CA GLU A 82 22.90 -10.00 6.19
C GLU A 82 22.01 -8.83 5.86
N ASN A 83 22.27 -7.68 6.48
CA ASN A 83 21.52 -6.46 6.22
C ASN A 83 21.68 -6.02 4.75
N PRO A 84 20.56 -5.76 4.03
CA PRO A 84 19.16 -5.89 4.44
C PRO A 84 18.63 -7.32 4.32
N VAL A 85 18.01 -7.79 5.39
CA VAL A 85 17.62 -9.17 5.50
C VAL A 85 16.38 -9.42 4.64
N TRP A 86 16.42 -10.52 3.89
CA TRP A 86 15.34 -10.88 2.97
C TRP A 86 14.92 -12.34 3.18
N ILE A 87 13.65 -12.61 3.00
CA ILE A 87 13.16 -13.99 2.95
C ILE A 87 12.69 -14.26 1.51
N ILE A 88 13.19 -15.35 0.92
CA ILE A 88 12.84 -15.70 -0.47
C ILE A 88 11.80 -16.81 -0.39
N MET A 89 10.64 -16.58 -1.01
CA MET A 89 9.48 -17.47 -0.94
CA MET A 89 9.52 -17.52 -0.96
C MET A 89 8.99 -17.84 -2.32
N GLU A 90 8.23 -18.94 -2.38
CA GLU A 90 7.44 -19.27 -3.53
C GLU A 90 6.57 -18.07 -3.96
N LEU A 91 6.55 -17.79 -5.24
CA LEU A 91 5.75 -16.68 -5.76
C LEU A 91 4.34 -17.18 -6.10
N CYS A 92 3.34 -16.53 -5.50
CA CYS A 92 1.94 -16.76 -5.83
C CYS A 92 1.51 -15.60 -6.69
N THR A 93 1.44 -15.84 -7.99
CA THR A 93 1.44 -14.75 -8.97
C THR A 93 0.15 -13.93 -9.05
N LEU A 94 -0.94 -14.39 -8.45
CA LEU A 94 -2.16 -13.60 -8.45
C LEU A 94 -2.34 -12.77 -7.20
N GLY A 95 -1.37 -12.84 -6.27
CA GLY A 95 -1.31 -11.89 -5.17
C GLY A 95 -2.16 -12.19 -3.95
N GLU A 96 -2.48 -11.16 -3.18
CA GLU A 96 -3.21 -11.33 -1.92
C GLU A 96 -4.66 -11.66 -2.22
N LEU A 97 -5.25 -12.52 -1.39
CA LEU A 97 -6.65 -12.97 -1.58
C LEU A 97 -7.69 -11.84 -1.51
N ARG A 98 -7.59 -10.93 -0.54
CA ARG A 98 -8.61 -9.85 -0.45
C ARG A 98 -8.70 -9.00 -1.70
N SER A 99 -7.54 -8.55 -2.19
CA SER A 99 -7.45 -7.78 -3.44
C SER A 99 -8.01 -8.51 -4.63
N PHE A 100 -7.68 -9.79 -4.69
CA PHE A 100 -8.12 -10.68 -5.79
C PHE A 100 -9.62 -10.78 -5.80
N LEU A 101 -10.22 -11.01 -4.62
CA LEU A 101 -11.67 -11.14 -4.51
C LEU A 101 -12.40 -9.85 -4.88
N GLN A 102 -11.86 -8.72 -4.43
CA GLN A 102 -12.49 -7.41 -4.69
C GLN A 102 -12.46 -7.08 -6.16
N VAL A 103 -11.31 -7.29 -6.79
CA VAL A 103 -11.13 -7.00 -8.23
C VAL A 103 -11.95 -7.94 -9.10
N ARG A 104 -12.05 -9.21 -8.69
CA ARG A 104 -12.72 -10.23 -9.50
C ARG A 104 -14.10 -10.57 -8.99
N LYS A 105 -14.66 -9.67 -8.21
CA LYS A 105 -15.94 -9.91 -7.58
C LYS A 105 -16.98 -10.52 -8.54
N PHE A 106 -17.13 -9.91 -9.71
CA PHE A 106 -18.19 -10.34 -10.65
C PHE A 106 -17.69 -11.29 -11.74
N SER A 107 -16.53 -11.88 -11.53
CA SER A 107 -15.97 -12.88 -12.44
C SER A 107 -15.79 -14.21 -11.71
N LEU A 108 -15.99 -14.25 -10.40
CA LEU A 108 -15.79 -15.48 -9.63
C LEU A 108 -17.13 -16.10 -9.28
N ASP A 109 -17.34 -17.33 -9.69
CA ASP A 109 -18.58 -18.00 -9.29
C ASP A 109 -18.48 -18.53 -7.88
N LEU A 110 -19.64 -18.83 -7.34
CA LEU A 110 -19.74 -19.39 -6.00
C LEU A 110 -18.84 -20.62 -5.82
N ALA A 111 -18.80 -21.51 -6.82
CA ALA A 111 -17.95 -22.70 -6.75
C ALA A 111 -16.48 -22.39 -6.45
N SER A 112 -15.97 -21.30 -7.02
CA SER A 112 -14.57 -20.92 -6.76
C SER A 112 -14.37 -20.46 -5.30
N LEU A 113 -15.31 -19.65 -4.80
CA LEU A 113 -15.25 -19.16 -3.42
C LEU A 113 -15.28 -20.31 -2.42
N ILE A 114 -16.15 -21.30 -2.65
CA ILE A 114 -16.21 -22.47 -1.78
C ILE A 114 -14.92 -23.31 -1.91
N LEU A 115 -14.40 -23.40 -3.13
CA LEU A 115 -13.14 -24.11 -3.36
C LEU A 115 -12.04 -23.48 -2.51
N TYR A 116 -11.97 -22.14 -2.49
CA TYR A 116 -10.95 -21.47 -1.69
C TYR A 116 -11.07 -21.78 -0.21
N ALA A 117 -12.30 -21.78 0.30
CA ALA A 117 -12.56 -22.15 1.69
C ALA A 117 -12.10 -23.59 1.97
N TYR A 118 -12.41 -24.48 1.04
CA TYR A 118 -12.06 -25.89 1.17
C TYR A 118 -10.54 -26.07 1.20
N GLN A 119 -9.84 -25.42 0.27
CA GLN A 119 -8.39 -25.56 0.19
C GLN A 119 -7.72 -25.07 1.47
N LEU A 120 -8.19 -23.95 2.00
CA LEU A 120 -7.67 -23.42 3.27
C LEU A 120 -7.95 -24.39 4.40
N SER A 121 -9.13 -25.02 4.39
CA SER A 121 -9.44 -26.04 5.40
C SER A 121 -8.49 -27.21 5.32
N THR A 122 -7.99 -27.56 4.13
CA THR A 122 -7.05 -28.66 4.04
C THR A 122 -5.70 -28.27 4.69
N ALA A 123 -5.27 -27.04 4.45
CA ALA A 123 -4.04 -26.53 5.09
C ALA A 123 -4.17 -26.52 6.59
N LEU A 124 -5.29 -26.05 7.08
CA LEU A 124 -5.47 -25.91 8.50
C LEU A 124 -5.69 -27.25 9.19
N ALA A 125 -6.32 -28.22 8.52
CA ALA A 125 -6.34 -29.59 9.04
C ALA A 125 -4.96 -30.18 9.17
N TYR A 126 -4.10 -29.91 8.19
CA TYR A 126 -2.69 -30.30 8.26
C TYR A 126 -1.99 -29.67 9.47
N LEU A 127 -2.17 -28.37 9.67
CA LEU A 127 -1.53 -27.73 10.83
C LEU A 127 -2.06 -28.30 12.17
N GLU A 128 -3.35 -28.57 12.22
CA GLU A 128 -3.99 -29.23 13.36
C GLU A 128 -3.37 -30.60 13.61
N SER A 129 -3.12 -31.36 12.52
CA SER A 129 -2.51 -32.66 12.65
C SER A 129 -1.10 -32.63 13.25
N LYS A 130 -0.45 -31.46 13.16
CA LYS A 130 0.89 -31.24 13.71
C LYS A 130 0.87 -30.51 15.05
N ARG A 131 -0.33 -30.26 15.56
CA ARG A 131 -0.60 -29.56 16.82
C ARG A 131 -0.02 -28.13 16.79
N PHE A 132 -0.11 -27.48 15.64
CA PHE A 132 0.35 -26.11 15.44
C PHE A 132 -0.84 -25.17 15.46
N VAL A 133 -0.73 -24.09 16.25
CA VAL A 133 -1.81 -23.10 16.37
C VAL A 133 -1.33 -21.84 15.64
N HIS A 134 -2.12 -21.39 14.68
CA HIS A 134 -1.73 -20.30 13.77
C HIS A 134 -1.87 -18.90 14.42
N ARG A 135 -3.03 -18.68 15.03
CA ARG A 135 -3.37 -17.46 15.82
C ARG A 135 -3.80 -16.23 15.01
N ASP A 136 -3.75 -16.27 13.69
CA ASP A 136 -4.01 -15.08 12.83
C ASP A 136 -4.60 -15.51 11.48
N ILE A 137 -5.67 -16.31 11.53
CA ILE A 137 -6.31 -16.79 10.29
C ILE A 137 -7.27 -15.69 9.79
N ALA A 138 -7.04 -15.23 8.58
CA ALA A 138 -7.75 -14.08 8.03
C ALA A 138 -7.44 -14.05 6.56
N ALA A 139 -8.35 -13.49 5.76
CA ALA A 139 -8.14 -13.44 4.30
C ALA A 139 -6.87 -12.66 3.90
N ARG A 140 -6.48 -11.68 4.71
CA ARG A 140 -5.24 -10.92 4.49
C ARG A 140 -3.95 -11.77 4.47
N ASN A 141 -4.02 -12.96 5.07
CA ASN A 141 -2.89 -13.86 5.15
C ASN A 141 -2.96 -15.03 4.18
N VAL A 142 -3.84 -14.91 3.18
CA VAL A 142 -3.96 -15.92 2.15
C VAL A 142 -3.49 -15.32 0.81
N LEU A 143 -2.81 -16.16 0.03
CA LEU A 143 -2.31 -15.77 -1.30
C LEU A 143 -2.95 -16.63 -2.38
N VAL A 144 -2.92 -16.12 -3.59
CA VAL A 144 -3.55 -16.78 -4.73
C VAL A 144 -2.50 -17.18 -5.77
N SER A 145 -2.36 -18.50 -5.96
CA SER A 145 -1.37 -19.05 -6.88
CA SER A 145 -1.37 -19.05 -6.86
C SER A 145 -1.95 -19.22 -8.27
N ALA A 146 -3.25 -19.48 -8.34
CA ALA A 146 -3.92 -19.64 -9.62
C ALA A 146 -5.40 -19.42 -9.34
N THR A 147 -6.22 -19.29 -10.40
CA THR A 147 -7.62 -19.01 -10.14
C THR A 147 -8.32 -20.18 -9.44
N ASP A 148 -7.69 -21.36 -9.46
CA ASP A 148 -8.16 -22.52 -8.68
C ASP A 148 -7.22 -22.99 -7.58
N CYS A 149 -6.40 -22.09 -7.02
CA CYS A 149 -5.46 -22.50 -5.98
C CYS A 149 -5.09 -21.32 -5.08
N VAL A 150 -5.48 -21.42 -3.80
CA VAL A 150 -5.07 -20.47 -2.79
C VAL A 150 -4.15 -21.16 -1.79
N LYS A 151 -3.30 -20.39 -1.12
CA LYS A 151 -2.38 -20.92 -0.14
C LYS A 151 -2.32 -20.01 1.08
N LEU A 152 -2.21 -20.61 2.26
CA LEU A 152 -1.91 -19.87 3.47
CA LEU A 152 -1.89 -19.85 3.48
C LEU A 152 -0.52 -19.24 3.31
N GLY A 153 -0.40 -17.94 3.56
CA GLY A 153 0.82 -17.26 3.13
C GLY A 153 1.74 -16.59 4.10
N ASP A 154 1.33 -16.49 5.35
CA ASP A 154 2.05 -15.62 6.26
C ASP A 154 1.86 -16.18 7.65
N PHE A 155 2.94 -16.31 8.40
CA PHE A 155 2.86 -16.70 9.81
C PHE A 155 2.19 -15.59 10.61
N LYS A 173 -3.30 -3.18 17.65
CA LYS A 173 -2.60 -3.98 16.64
C LYS A 173 -3.16 -5.41 16.51
N LEU A 174 -3.68 -5.95 17.61
CA LEU A 174 -4.31 -7.30 17.60
C LEU A 174 -5.51 -7.33 16.65
N PRO A 175 -5.72 -8.45 15.94
CA PRO A 175 -6.82 -8.52 15.00
C PRO A 175 -8.14 -8.87 15.69
N ILE A 176 -8.63 -7.93 16.48
CA ILE A 176 -9.78 -8.14 17.37
C ILE A 176 -11.00 -8.62 16.62
N LYS A 177 -11.26 -8.06 15.43
CA LYS A 177 -12.47 -8.39 14.68
C LYS A 177 -12.49 -9.84 14.15
N TRP A 178 -11.35 -10.51 14.18
CA TRP A 178 -11.23 -11.91 13.77
C TRP A 178 -11.16 -12.88 14.96
N MET A 179 -10.84 -12.35 16.14
CA MET A 179 -10.52 -13.19 17.28
C MET A 179 -11.71 -13.81 18.01
N ALA A 180 -11.50 -15.02 18.51
CA ALA A 180 -12.46 -15.71 19.37
C ALA A 180 -12.61 -14.96 20.69
N PRO A 181 -13.79 -15.03 21.31
CA PRO A 181 -14.00 -14.27 22.55
C PRO A 181 -12.96 -14.54 23.63
N GLU A 182 -12.57 -15.81 23.79
CA GLU A 182 -11.57 -16.20 24.80
C GLU A 182 -10.17 -15.64 24.49
N SER A 183 -9.91 -15.38 23.22
CA SER A 183 -8.68 -14.76 22.78
C SER A 183 -8.69 -13.28 23.17
N ILE A 184 -9.82 -12.60 22.99
CA ILE A 184 -9.92 -11.18 23.33
C ILE A 184 -9.90 -11.00 24.85
N ASN A 185 -10.66 -11.86 25.52
CA ASN A 185 -10.85 -11.71 26.96
C ASN A 185 -9.61 -12.12 27.75
N PHE A 186 -8.98 -13.22 27.33
CA PHE A 186 -7.96 -13.87 28.15
C PHE A 186 -6.63 -14.12 27.44
N ARG A 187 -6.52 -13.67 26.18
CA ARG A 187 -5.31 -13.86 25.36
C ARG A 187 -4.93 -15.33 25.22
N ARG A 188 -5.93 -16.20 25.19
CA ARG A 188 -5.75 -17.63 25.00
C ARG A 188 -5.96 -17.94 23.52
N PHE A 189 -5.01 -18.63 22.91
CA PHE A 189 -5.12 -19.07 21.51
C PHE A 189 -4.94 -20.57 21.46
N THR A 190 -5.90 -21.25 20.85
CA THR A 190 -5.86 -22.70 20.80
C THR A 190 -6.31 -23.14 19.42
N SER A 191 -6.32 -24.45 19.18
CA SER A 191 -6.89 -24.95 17.93
C SER A 191 -8.34 -24.47 17.78
N ALA A 192 -9.09 -24.40 18.88
CA ALA A 192 -10.49 -23.97 18.82
C ALA A 192 -10.63 -22.49 18.44
N SER A 193 -9.76 -21.63 18.97
CA SER A 193 -9.76 -20.23 18.54
C SER A 193 -9.42 -20.09 17.05
N ASP A 194 -8.52 -20.93 16.51
CA ASP A 194 -8.22 -20.91 15.07
C ASP A 194 -9.50 -21.20 14.25
N VAL A 195 -10.34 -22.10 14.74
CA VAL A 195 -11.57 -22.46 14.01
C VAL A 195 -12.52 -21.26 13.98
N TRP A 196 -12.61 -20.52 15.08
CA TRP A 196 -13.43 -19.31 15.08
C TRP A 196 -12.94 -18.34 14.01
N MET A 197 -11.64 -18.12 13.98
CA MET A 197 -11.01 -17.20 13.01
C MET A 197 -11.24 -17.68 11.58
N PHE A 198 -11.14 -18.99 11.38
CA PHE A 198 -11.46 -19.59 10.09
C PHE A 198 -12.91 -19.31 9.66
N GLY A 199 -13.85 -19.39 10.59
CA GLY A 199 -15.23 -19.00 10.32
C GLY A 199 -15.32 -17.57 9.76
N VAL A 200 -14.60 -16.66 10.39
CA VAL A 200 -14.53 -15.27 9.91
C VAL A 200 -13.88 -15.18 8.52
N CYS A 201 -12.82 -15.95 8.28
CA CYS A 201 -12.15 -15.94 7.00
C CYS A 201 -13.10 -16.47 5.91
N MET A 202 -13.90 -17.49 6.23
CA MET A 202 -14.89 -18.01 5.25
C MET A 202 -15.91 -16.94 4.92
N TRP A 203 -16.40 -16.24 5.94
CA TRP A 203 -17.29 -15.09 5.74
C TRP A 203 -16.68 -14.04 4.79
N GLU A 204 -15.42 -13.70 5.04
CA GLU A 204 -14.70 -12.74 4.20
C GLU A 204 -14.66 -13.16 2.75
N ILE A 205 -14.42 -14.44 2.50
CA ILE A 205 -14.32 -14.96 1.14
C ILE A 205 -15.69 -14.83 0.48
N LEU A 206 -16.72 -15.28 1.19
CA LEU A 206 -18.07 -15.25 0.64
C LEU A 206 -18.60 -13.80 0.48
N MET A 207 -17.99 -12.85 1.20
CA MET A 207 -18.25 -11.42 1.03
C MET A 207 -17.38 -10.70 -0.02
N HIS A 208 -16.61 -11.46 -0.81
CA HIS A 208 -15.66 -10.91 -1.78
C HIS A 208 -14.67 -9.92 -1.19
N GLY A 209 -14.16 -10.28 -0.02
CA GLY A 209 -13.07 -9.57 0.61
C GLY A 209 -13.45 -8.33 1.39
N VAL A 210 -14.72 -8.21 1.80
CA VAL A 210 -15.13 -7.16 2.73
C VAL A 210 -14.67 -7.57 4.14
N LYS A 211 -14.20 -6.62 4.93
CA LYS A 211 -13.76 -6.92 6.30
C LYS A 211 -14.96 -7.13 7.24
N PRO A 212 -14.80 -8.00 8.26
CA PRO A 212 -15.89 -8.12 9.23
C PRO A 212 -16.04 -6.86 10.09
N PHE A 213 -17.26 -6.56 10.51
CA PHE A 213 -17.54 -5.50 11.49
C PHE A 213 -17.10 -4.11 11.02
N GLN A 214 -17.32 -3.81 9.75
CA GLN A 214 -17.00 -2.47 9.25
C GLN A 214 -17.83 -1.42 9.98
N GLY A 215 -17.21 -0.30 10.31
CA GLY A 215 -17.87 0.76 11.04
C GLY A 215 -17.93 0.58 12.54
N VAL A 216 -17.57 -0.61 13.03
CA VAL A 216 -17.56 -0.90 14.47
C VAL A 216 -16.15 -0.69 15.05
N LYS A 217 -16.07 -0.05 16.21
CA LYS A 217 -14.79 0.12 16.91
C LYS A 217 -14.31 -1.22 17.47
N ASN A 218 -13.01 -1.49 17.39
CA ASN A 218 -12.46 -2.74 17.93
C ASN A 218 -12.94 -3.00 19.35
N ASN A 219 -13.04 -1.94 20.18
CA ASN A 219 -13.50 -2.09 21.56
C ASN A 219 -14.94 -2.56 21.75
N ASP A 220 -15.79 -2.37 20.75
CA ASP A 220 -17.20 -2.76 20.86
C ASP A 220 -17.48 -4.18 20.33
N VAL A 221 -16.49 -4.82 19.74
CA VAL A 221 -16.66 -6.14 19.13
C VAL A 221 -17.05 -7.20 20.18
N ILE A 222 -16.30 -7.28 21.26
CA ILE A 222 -16.56 -8.30 22.29
C ILE A 222 -17.97 -8.17 22.89
N GLY A 223 -18.42 -6.94 23.15
CA GLY A 223 -19.78 -6.71 23.66
C GLY A 223 -20.86 -7.34 22.76
N ARG A 224 -20.67 -7.21 21.45
CA ARG A 224 -21.63 -7.77 20.49
C ARG A 224 -21.56 -9.30 20.47
N ILE A 225 -20.35 -9.84 20.48
CA ILE A 225 -20.19 -11.30 20.56
C ILE A 225 -20.88 -11.86 21.81
N GLU A 226 -20.63 -11.23 22.96
CA GLU A 226 -21.25 -11.68 24.24
C GLU A 226 -22.78 -11.55 24.23
N ASN A 227 -23.28 -10.56 23.49
CA ASN A 227 -24.72 -10.37 23.31
C ASN A 227 -25.34 -11.32 22.28
N GLY A 228 -24.56 -12.27 21.78
CA GLY A 228 -25.09 -13.31 20.89
C GLY A 228 -25.10 -12.93 19.42
N GLU A 229 -24.62 -11.74 19.10
CA GLU A 229 -24.57 -11.28 17.72
C GLU A 229 -23.48 -11.97 16.93
N ARG A 230 -23.76 -12.23 15.65
CA ARG A 230 -22.81 -12.85 14.73
C ARG A 230 -22.88 -12.19 13.37
N LEU A 231 -21.80 -12.32 12.59
CA LEU A 231 -21.74 -11.77 11.23
C LEU A 231 -22.91 -12.35 10.44
N PRO A 232 -23.61 -11.53 9.64
CA PRO A 232 -24.79 -12.05 8.94
CA PRO A 232 -24.79 -11.99 8.91
C PRO A 232 -24.46 -12.88 7.72
N MET A 233 -25.45 -13.61 7.21
CA MET A 233 -25.29 -14.46 6.04
C MET A 233 -24.93 -13.64 4.81
N PRO A 234 -23.80 -13.94 4.15
CA PRO A 234 -23.45 -13.17 2.96
C PRO A 234 -24.47 -13.34 1.84
N PRO A 235 -24.63 -12.33 1.00
CA PRO A 235 -25.54 -12.53 -0.12
C PRO A 235 -25.10 -13.71 -0.98
N ASN A 236 -26.06 -14.48 -1.45
CA ASN A 236 -25.80 -15.63 -2.30
C ASN A 236 -25.08 -16.80 -1.62
N CYS A 237 -24.90 -16.75 -0.29
CA CYS A 237 -24.25 -17.83 0.43
C CYS A 237 -25.21 -19.01 0.61
N PRO A 238 -24.77 -20.26 0.29
CA PRO A 238 -25.57 -21.46 0.56
C PRO A 238 -25.86 -21.63 2.06
N PRO A 239 -27.09 -22.03 2.41
CA PRO A 239 -27.44 -22.26 3.82
C PRO A 239 -26.59 -23.31 4.54
N THR A 240 -26.22 -24.39 3.86
CA THR A 240 -25.32 -25.36 4.47
C THR A 240 -24.02 -24.64 4.92
N LEU A 241 -23.54 -23.73 4.07
CA LEU A 241 -22.26 -23.07 4.31
C LEU A 241 -22.37 -22.08 5.45
N TYR A 242 -23.42 -21.27 5.46
CA TYR A 242 -23.58 -20.33 6.57
C TYR A 242 -23.72 -21.05 7.91
N SER A 243 -24.49 -22.14 7.94
CA SER A 243 -24.59 -23.01 9.12
C SER A 243 -23.25 -23.48 9.63
N LEU A 244 -22.38 -23.91 8.71
CA LEU A 244 -21.02 -24.27 9.05
C LEU A 244 -20.27 -23.10 9.72
N MET A 245 -20.39 -21.90 9.16
CA MET A 245 -19.76 -20.72 9.75
C MET A 245 -20.25 -20.53 11.18
N THR A 246 -21.56 -20.64 11.38
CA THR A 246 -22.16 -20.37 12.68
C THR A 246 -21.64 -21.37 13.72
N LYS A 247 -21.37 -22.61 13.30
CA LYS A 247 -20.82 -23.63 14.18
C LYS A 247 -19.39 -23.29 14.63
N CYS A 248 -18.63 -22.66 13.74
CA CYS A 248 -17.30 -22.16 14.09
C CYS A 248 -17.34 -21.07 15.16
N TRP A 249 -18.47 -20.38 15.26
CA TRP A 249 -18.63 -19.24 16.17
C TRP A 249 -19.43 -19.57 17.42
N ALA A 250 -19.38 -20.84 17.86
CA ALA A 250 -19.93 -21.19 19.16
C ALA A 250 -19.10 -20.48 20.21
N TYR A 251 -19.77 -19.86 21.19
CA TYR A 251 -19.10 -19.14 22.27
C TYR A 251 -18.16 -20.09 23.06
N ASP A 252 -18.69 -21.25 23.42
CA ASP A 252 -17.92 -22.27 24.14
C ASP A 252 -17.00 -22.97 23.13
N PRO A 253 -15.67 -22.82 23.30
CA PRO A 253 -14.74 -23.39 22.32
C PRO A 253 -14.89 -24.89 22.12
N SER A 254 -15.25 -25.62 23.16
CA SER A 254 -15.33 -27.07 23.11
C SER A 254 -16.51 -27.55 22.22
N ARG A 255 -17.41 -26.64 21.84
CA ARG A 255 -18.50 -26.97 20.89
C ARG A 255 -18.18 -26.68 19.41
N ARG A 256 -17.01 -26.10 19.12
CA ARG A 256 -16.62 -25.82 17.75
C ARG A 256 -16.07 -27.08 17.07
N PRO A 257 -16.35 -27.24 15.77
CA PRO A 257 -15.85 -28.41 15.01
C PRO A 257 -14.33 -28.34 14.94
N ARG A 258 -13.71 -29.45 14.59
CA ARG A 258 -12.30 -29.46 14.23
C ARG A 258 -12.16 -29.34 12.70
N PHE A 259 -10.94 -29.08 12.26
CA PHE A 259 -10.70 -28.88 10.82
C PHE A 259 -10.95 -30.14 10.00
N THR A 260 -10.78 -31.34 10.58
CA THR A 260 -11.10 -32.55 9.84
C THR A 260 -12.58 -32.55 9.41
N GLU A 261 -13.47 -32.11 10.31
CA GLU A 261 -14.93 -32.05 10.04
C GLU A 261 -15.25 -30.93 9.06
N LEU A 262 -14.60 -29.79 9.23
CA LEU A 262 -14.85 -28.64 8.33
C LEU A 262 -14.47 -29.01 6.91
N LYS A 263 -13.33 -29.68 6.78
CA LYS A 263 -12.83 -30.09 5.46
C LYS A 263 -13.80 -31.04 4.79
N ALA A 264 -14.27 -32.06 5.51
CA ALA A 264 -15.22 -32.99 4.97
C ALA A 264 -16.53 -32.30 4.53
N GLN A 265 -17.03 -31.38 5.34
CA GLN A 265 -18.29 -30.72 5.06
C GLN A 265 -18.15 -29.75 3.87
N LEU A 266 -17.04 -29.05 3.83
CA LEU A 266 -16.74 -28.17 2.69
C LEU A 266 -16.60 -28.95 1.38
N SER A 267 -15.99 -30.14 1.42
CA SER A 267 -15.92 -30.98 0.22
C SER A 267 -17.33 -31.32 -0.31
N THR A 268 -18.25 -31.73 0.58
CA THR A 268 -19.62 -32.02 0.17
C THR A 268 -20.35 -30.79 -0.35
N ILE A 269 -20.13 -29.65 0.30
CA ILE A 269 -20.77 -28.40 -0.14
C ILE A 269 -20.28 -27.98 -1.53
N LEU A 270 -18.96 -28.07 -1.72
CA LEU A 270 -18.33 -27.79 -3.02
C LEU A 270 -18.94 -28.69 -4.09
N GLU A 271 -19.06 -29.97 -3.79
CA GLU A 271 -19.56 -30.91 -4.82
C GLU A 271 -21.02 -30.66 -5.15
N GLU A 272 -21.80 -30.31 -4.14
CA GLU A 272 -23.20 -29.94 -4.34
C GLU A 272 -23.30 -28.69 -5.22
N GLU A 273 -22.39 -27.75 -5.03
CA GLU A 273 -22.38 -26.52 -5.83
C GLU A 273 -22.00 -26.80 -7.29
N LYS A 274 -20.98 -27.65 -7.50
CA LYS A 274 -20.52 -28.01 -8.85
C LYS A 274 -21.52 -28.86 -9.64
N LEU A 275 -22.40 -29.58 -8.94
CA LEU A 275 -23.47 -30.35 -9.59
C LEU A 275 -24.58 -29.41 -10.07
N GLN A 276 -24.70 -28.26 -9.41
CA GLN A 276 -25.71 -27.27 -9.75
C GLN A 276 -25.45 -26.70 -11.14
N TYR B 5 27.86 19.93 -5.28
CA TYR B 5 26.79 19.06 -5.88
C TYR B 5 27.04 18.72 -7.36
N GLU B 6 28.06 19.30 -7.98
CA GLU B 6 28.42 18.92 -9.34
C GLU B 6 28.98 17.49 -9.37
N ILE B 7 28.40 16.64 -10.24
CA ILE B 7 28.85 15.26 -10.45
C ILE B 7 29.42 15.13 -11.86
N GLN B 8 30.40 14.23 -12.03
CA GLN B 8 30.97 13.92 -13.35
C GLN B 8 30.07 12.91 -14.07
N ARG B 9 29.80 13.15 -15.35
CA ARG B 9 28.84 12.34 -16.10
C ARG B 9 29.22 10.86 -16.20
N GLU B 10 30.51 10.57 -16.25
CA GLU B 10 31.00 9.18 -16.30
C GLU B 10 30.67 8.38 -15.03
N ARG B 11 30.35 9.08 -13.94
CA ARG B 11 29.89 8.48 -12.68
C ARG B 11 28.44 8.01 -12.76
N ILE B 12 27.71 8.49 -13.75
CA ILE B 12 26.30 8.11 -13.94
C ILE B 12 26.14 7.11 -15.08
N GLU B 13 25.51 5.98 -14.79
CA GLU B 13 25.08 5.05 -15.83
C GLU B 13 23.60 5.25 -16.10
N LEU B 14 23.28 5.85 -17.24
CA LEU B 14 21.89 6.11 -17.61
C LEU B 14 21.15 4.81 -17.95
N GLY B 15 20.10 4.51 -17.17
CA GLY B 15 19.24 3.34 -17.38
C GLY B 15 17.99 3.68 -18.17
N ARG B 16 16.93 2.87 -17.99
CA ARG B 16 15.71 3.00 -18.79
C ARG B 16 14.95 4.31 -18.53
N CYS B 17 14.28 4.81 -19.56
CA CYS B 17 13.43 5.99 -19.43
C CYS B 17 12.16 5.61 -18.68
N ILE B 18 11.87 6.32 -17.59
CA ILE B 18 10.68 6.03 -16.78
C ILE B 18 9.63 7.13 -16.90
N GLY B 19 9.88 8.13 -17.74
CA GLY B 19 8.93 9.21 -17.97
C GLY B 19 9.41 10.10 -19.10
N GLU B 20 8.54 10.32 -20.09
CA GLU B 20 8.86 11.20 -21.21
C GLU B 20 8.26 12.58 -20.95
N GLY B 21 8.94 13.63 -21.43
CA GLY B 21 8.45 14.98 -21.23
C GLY B 21 8.66 15.87 -22.44
N GLN B 22 7.99 17.01 -22.43
CA GLN B 22 8.09 17.98 -23.51
C GLN B 22 9.53 18.49 -23.71
N PHE B 23 10.13 19.01 -22.64
CA PHE B 23 11.48 19.61 -22.71
C PHE B 23 12.61 18.74 -22.12
N GLY B 24 12.25 17.58 -21.57
CA GLY B 24 13.23 16.67 -20.97
C GLY B 24 12.57 15.35 -20.58
N ASP B 25 13.37 14.32 -20.31
CA ASP B 25 12.83 13.02 -19.91
C ASP B 25 13.35 12.61 -18.54
N VAL B 26 12.67 11.65 -17.91
CA VAL B 26 13.11 11.10 -16.63
C VAL B 26 13.56 9.64 -16.84
N HIS B 27 14.73 9.31 -16.30
CA HIS B 27 15.30 7.98 -16.35
C HIS B 27 15.64 7.46 -14.95
N GLN B 28 15.72 6.14 -14.81
CA GLN B 28 16.46 5.57 -13.68
C GLN B 28 17.90 5.28 -14.12
N GLY B 29 18.80 5.12 -13.15
CA GLY B 29 20.19 4.88 -13.44
C GLY B 29 20.97 4.55 -12.19
N ILE B 30 22.29 4.57 -12.30
CA ILE B 30 23.18 4.24 -11.20
C ILE B 30 24.27 5.29 -11.04
N TYR B 31 24.53 5.67 -9.80
CA TYR B 31 25.57 6.63 -9.47
C TYR B 31 26.67 5.96 -8.64
N MET B 32 27.91 6.01 -9.13
CA MET B 32 29.06 5.44 -8.41
C MET B 32 29.86 6.54 -7.74
N SER B 33 29.53 6.84 -6.48
CA SER B 33 30.25 7.89 -5.75
C SER B 33 31.67 7.40 -5.44
N PRO B 34 32.64 8.33 -5.33
CA PRO B 34 34.02 7.92 -5.00
C PRO B 34 34.09 7.23 -3.64
N GLU B 35 33.26 7.69 -2.70
CA GLU B 35 33.08 7.01 -1.43
C GLU B 35 32.32 5.69 -1.62
N ASN B 36 31.31 5.69 -2.50
CA ASN B 36 30.46 4.50 -2.76
C ASN B 36 29.48 4.31 -1.59
N PRO B 37 28.72 3.19 -1.56
CA PRO B 37 28.51 2.15 -2.57
C PRO B 37 27.68 2.68 -3.73
N ALA B 38 27.70 1.97 -4.86
CA ALA B 38 26.90 2.37 -6.02
C ALA B 38 25.43 2.43 -5.62
N MET B 39 24.77 3.56 -5.90
CA MET B 39 23.37 3.73 -5.52
C MET B 39 22.46 3.93 -6.73
N ALA B 40 21.21 3.50 -6.57
CA ALA B 40 20.19 3.72 -7.56
C ALA B 40 19.72 5.16 -7.47
N VAL B 41 19.48 5.78 -8.62
CA VAL B 41 19.06 7.18 -8.69
C VAL B 41 18.05 7.42 -9.81
N ALA B 42 17.37 8.57 -9.72
CA ALA B 42 16.52 9.10 -10.78
C ALA B 42 17.32 10.20 -11.47
N ILE B 43 17.21 10.29 -12.80
CA ILE B 43 17.92 11.29 -13.60
C ILE B 43 16.93 12.04 -14.51
N LYS B 44 16.81 13.34 -14.31
CA LYS B 44 16.01 14.17 -15.23
C LYS B 44 16.96 14.81 -16.21
N THR B 45 16.72 14.55 -17.49
CA THR B 45 17.60 14.98 -18.56
C THR B 45 16.92 16.10 -19.36
N CYS B 46 17.71 17.07 -19.78
CA CYS B 46 17.18 18.20 -20.58
C CYS B 46 17.51 17.91 -22.05
N LYS B 47 16.54 18.04 -22.93
CA LYS B 47 16.79 17.82 -24.37
C LYS B 47 17.77 18.85 -24.93
N ASN B 48 18.54 18.46 -25.95
CA ASN B 48 19.55 19.35 -26.55
C ASN B 48 18.94 20.63 -27.11
N CYS B 49 17.69 20.54 -27.55
CA CYS B 49 17.02 21.63 -28.27
C CYS B 49 16.18 22.53 -27.36
N THR B 50 16.19 22.26 -26.06
CA THR B 50 15.48 23.06 -25.08
C THR B 50 16.16 24.43 -24.90
N SER B 51 15.34 25.46 -24.78
CA SER B 51 15.83 26.83 -24.67
C SER B 51 16.66 27.07 -23.39
N ASP B 52 17.47 28.13 -23.41
CA ASP B 52 18.20 28.51 -22.20
C ASP B 52 17.26 28.82 -21.05
N SER B 53 16.11 29.43 -21.36
CA SER B 53 15.14 29.76 -20.31
C SER B 53 14.61 28.50 -19.59
N VAL B 54 14.21 27.50 -20.37
CA VAL B 54 13.71 26.26 -19.79
C VAL B 54 14.85 25.46 -19.13
N ARG B 55 16.02 25.48 -19.74
CA ARG B 55 17.21 24.85 -19.14
C ARG B 55 17.48 25.41 -17.74
N GLU B 56 17.36 26.73 -17.59
CA GLU B 56 17.53 27.37 -16.30
C GLU B 56 16.54 26.85 -15.27
N LYS B 57 15.34 26.49 -15.70
CA LYS B 57 14.34 25.94 -14.76
C LYS B 57 14.81 24.62 -14.19
N PHE B 58 15.52 23.82 -14.98
CA PHE B 58 16.09 22.55 -14.50
C PHE B 58 17.04 22.82 -13.36
N LEU B 59 17.96 23.74 -13.57
CA LEU B 59 18.97 24.10 -12.58
C LEU B 59 18.31 24.70 -11.34
N GLN B 60 17.33 25.58 -11.53
CA GLN B 60 16.57 26.14 -10.41
C GLN B 60 15.89 25.07 -9.58
N GLU B 61 15.35 24.05 -10.24
CA GLU B 61 14.71 22.92 -9.55
C GLU B 61 15.70 22.27 -8.59
N ALA B 62 16.90 22.01 -9.08
CA ALA B 62 17.93 21.39 -8.25
C ALA B 62 18.34 22.28 -7.11
N LEU B 63 18.54 23.55 -7.43
CA LEU B 63 18.92 24.53 -6.44
C LEU B 63 17.87 24.61 -5.34
N THR B 64 16.59 24.55 -5.72
CA THR B 64 15.50 24.57 -4.75
C THR B 64 15.51 23.33 -3.87
N MET B 65 15.59 22.16 -4.50
CA MET B 65 15.54 20.89 -3.75
CA MET B 65 15.54 20.90 -3.74
C MET B 65 16.68 20.79 -2.74
N ARG B 66 17.82 21.38 -3.08
CA ARG B 66 19.04 21.31 -2.27
C ARG B 66 18.89 21.97 -0.90
N GLN B 67 18.00 22.96 -0.84
CA GLN B 67 17.76 23.72 0.38
C GLN B 67 17.01 22.92 1.44
N PHE B 68 16.43 21.77 1.05
CA PHE B 68 15.53 21.02 1.93
C PHE B 68 16.09 19.69 2.38
N ASP B 69 15.74 19.31 3.60
CA ASP B 69 16.16 18.08 4.23
C ASP B 69 14.98 17.60 5.06
N HIS B 70 14.18 16.73 4.46
CA HIS B 70 12.98 16.19 5.08
C HIS B 70 12.70 14.77 4.59
N PRO B 71 12.22 13.88 5.47
CA PRO B 71 12.00 12.49 5.06
C PRO B 71 10.96 12.27 3.98
N HIS B 72 10.07 13.25 3.78
CA HIS B 72 9.01 13.14 2.78
C HIS B 72 9.18 14.14 1.64
N ILE B 73 10.42 14.58 1.44
CA ILE B 73 10.79 15.38 0.25
C ILE B 73 11.96 14.66 -0.45
N VAL B 74 11.85 14.46 -1.77
CA VAL B 74 12.93 13.88 -2.53
C VAL B 74 14.23 14.68 -2.38
N LYS B 75 15.34 13.97 -2.15
CA LYS B 75 16.66 14.55 -1.97
CA LYS B 75 16.65 14.58 -1.99
C LYS B 75 17.36 14.77 -3.33
N LEU B 76 18.06 15.90 -3.46
CA LEU B 76 18.94 16.12 -4.59
C LEU B 76 20.27 15.41 -4.32
N ILE B 77 20.75 14.64 -5.29
CA ILE B 77 22.06 13.98 -5.19
C ILE B 77 23.12 14.87 -5.86
N GLY B 78 22.86 15.32 -7.07
CA GLY B 78 23.77 16.26 -7.71
C GLY B 78 23.28 16.72 -9.07
N VAL B 79 24.11 17.54 -9.73
CA VAL B 79 23.81 18.03 -11.06
C VAL B 79 24.96 17.87 -12.03
N ILE B 80 24.64 17.73 -13.31
CA ILE B 80 25.63 17.86 -14.39
C ILE B 80 25.28 19.17 -15.10
N THR B 81 26.15 20.17 -15.01
CA THR B 81 25.87 21.52 -15.53
C THR B 81 26.29 21.64 -16.99
N GLU B 82 27.23 20.80 -17.41
CA GLU B 82 27.61 20.70 -18.81
C GLU B 82 26.44 20.18 -19.65
N ASN B 83 26.16 20.84 -20.77
CA ASN B 83 25.05 20.41 -21.64
C ASN B 83 25.32 19.03 -22.26
N PRO B 84 24.30 18.14 -22.30
CA PRO B 84 22.94 18.30 -21.82
C PRO B 84 22.84 18.23 -20.29
N VAL B 85 22.07 19.13 -19.70
CA VAL B 85 21.95 19.18 -18.24
C VAL B 85 21.22 17.93 -17.73
N TRP B 86 21.80 17.29 -16.72
CA TRP B 86 21.17 16.16 -15.99
C TRP B 86 21.06 16.51 -14.52
N ILE B 87 19.90 16.24 -13.94
CA ILE B 87 19.69 16.44 -12.51
C ILE B 87 19.54 15.06 -11.87
N ILE B 88 20.34 14.78 -10.84
CA ILE B 88 20.40 13.47 -10.20
C ILE B 88 19.72 13.53 -8.82
N MET B 89 18.72 12.68 -8.65
CA MET B 89 17.87 12.72 -7.47
CA MET B 89 17.86 12.71 -7.47
C MET B 89 17.73 11.33 -6.86
N GLU B 90 17.27 11.31 -5.61
CA GLU B 90 16.93 10.07 -4.94
C GLU B 90 15.87 9.36 -5.78
N LEU B 91 15.96 8.04 -5.89
CA LEU B 91 14.96 7.26 -6.66
C LEU B 91 13.85 6.72 -5.75
N CYS B 92 12.60 6.98 -6.12
CA CYS B 92 11.41 6.48 -5.44
C CYS B 92 10.87 5.35 -6.32
N THR B 93 11.17 4.12 -5.91
CA THR B 93 11.04 2.99 -6.83
C THR B 93 9.62 2.58 -7.20
N LEU B 94 8.62 3.00 -6.43
CA LEU B 94 7.22 2.66 -6.71
C LEU B 94 6.58 3.66 -7.68
N GLY B 95 7.30 4.75 -7.97
CA GLY B 95 6.91 5.67 -9.02
C GLY B 95 5.88 6.69 -8.62
N GLU B 96 5.15 7.16 -9.62
CA GLU B 96 4.18 8.21 -9.47
C GLU B 96 3.00 7.80 -8.60
N LEU B 97 2.59 8.69 -7.68
CA LEU B 97 1.48 8.39 -6.77
C LEU B 97 0.13 8.10 -7.50
N ARG B 98 -0.21 8.88 -8.50
CA ARG B 98 -1.51 8.67 -9.18
C ARG B 98 -1.64 7.28 -9.76
N SER B 99 -0.64 6.85 -10.53
CA SER B 99 -0.63 5.51 -11.13
C SER B 99 -0.64 4.45 -10.05
N PHE B 100 0.11 4.69 -8.98
CA PHE B 100 0.20 3.76 -7.87
C PHE B 100 -1.17 3.60 -7.23
N LEU B 101 -1.86 4.71 -6.99
CA LEU B 101 -3.22 4.64 -6.43
C LEU B 101 -4.23 3.91 -7.34
N GLN B 102 -4.17 4.16 -8.65
CA GLN B 102 -5.11 3.57 -9.60
C GLN B 102 -4.84 2.09 -9.74
N VAL B 103 -3.56 1.74 -9.87
CA VAL B 103 -3.15 0.34 -10.08
C VAL B 103 -3.39 -0.54 -8.85
N ARG B 104 -3.09 0.00 -7.67
CA ARG B 104 -3.20 -0.76 -6.41
C ARG B 104 -4.46 -0.40 -5.63
N LYS B 105 -5.47 0.16 -6.30
CA LYS B 105 -6.70 0.62 -5.64
C LYS B 105 -7.28 -0.35 -4.61
N PHE B 106 -7.46 -1.61 -5.00
CA PHE B 106 -8.08 -2.60 -4.11
C PHE B 106 -7.11 -3.21 -3.11
N SER B 107 -5.83 -2.83 -3.16
CA SER B 107 -4.85 -3.20 -2.12
C SER B 107 -4.57 -2.07 -1.12
N LEU B 108 -5.14 -0.89 -1.36
CA LEU B 108 -4.90 0.27 -0.51
C LEU B 108 -6.15 0.67 0.24
N ASP B 109 -6.20 0.24 1.50
CA ASP B 109 -7.25 0.56 2.42
C ASP B 109 -7.14 1.98 2.93
N LEU B 110 -8.18 2.39 3.64
CA LEU B 110 -8.28 3.76 4.09
C LEU B 110 -7.10 4.24 4.94
N ALA B 111 -6.54 3.38 5.80
CA ALA B 111 -5.45 3.86 6.66
C ALA B 111 -4.19 4.21 5.86
N SER B 112 -3.94 3.54 4.74
CA SER B 112 -2.86 3.91 3.82
C SER B 112 -3.09 5.31 3.22
N LEU B 113 -4.31 5.53 2.75
CA LEU B 113 -4.64 6.79 2.09
C LEU B 113 -4.48 7.97 3.08
N ILE B 114 -4.93 7.79 4.31
CA ILE B 114 -4.79 8.83 5.33
C ILE B 114 -3.31 9.01 5.69
N LEU B 115 -2.56 7.92 5.78
CA LEU B 115 -1.13 8.02 6.03
C LEU B 115 -0.46 8.91 4.97
N TYR B 116 -0.83 8.71 3.70
CA TYR B 116 -0.19 9.46 2.64
C TYR B 116 -0.50 10.94 2.79
N ALA B 117 -1.75 11.25 3.09
CA ALA B 117 -2.14 12.65 3.31
C ALA B 117 -1.36 13.23 4.48
N TYR B 118 -1.23 12.43 5.54
CA TYR B 118 -0.48 12.88 6.71
C TYR B 118 1.00 13.14 6.36
N GLN B 119 1.64 12.19 5.69
CA GLN B 119 3.04 12.32 5.34
C GLN B 119 3.24 13.57 4.50
N LEU B 120 2.38 13.79 3.52
CA LEU B 120 2.48 15.01 2.69
CA LEU B 120 2.48 15.00 2.70
C LEU B 120 2.32 16.27 3.54
N SER B 121 1.39 16.24 4.48
CA SER B 121 1.22 17.39 5.40
C SER B 121 2.49 17.69 6.22
N THR B 122 3.26 16.66 6.58
CA THR B 122 4.52 16.89 7.30
C THR B 122 5.55 17.58 6.38
N ALA B 123 5.60 17.17 5.12
CA ALA B 123 6.50 17.80 4.17
C ALA B 123 6.11 19.26 3.95
N LEU B 124 4.81 19.49 3.86
CA LEU B 124 4.31 20.84 3.60
C LEU B 124 4.41 21.74 4.83
N ALA B 125 4.27 21.19 6.04
CA ALA B 125 4.52 21.98 7.23
C ALA B 125 5.99 22.37 7.32
N TYR B 126 6.87 21.46 6.89
CA TYR B 126 8.30 21.76 6.84
C TYR B 126 8.59 22.89 5.83
N LEU B 127 7.98 22.82 4.65
CA LEU B 127 8.20 23.86 3.64
C LEU B 127 7.65 25.20 4.15
N GLU B 128 6.50 25.15 4.82
CA GLU B 128 5.91 26.34 5.44
C GLU B 128 6.86 26.93 6.47
N SER B 129 7.54 26.06 7.22
CA SER B 129 8.53 26.51 8.21
C SER B 129 9.72 27.23 7.60
N LYS B 130 9.98 26.99 6.31
CA LYS B 130 11.06 27.67 5.57
C LYS B 130 10.55 28.88 4.75
N ARG B 131 9.25 29.17 4.88
CA ARG B 131 8.56 30.24 4.13
C ARG B 131 8.68 29.99 2.61
N PHE B 132 8.63 28.73 2.24
CA PHE B 132 8.66 28.33 0.84
C PHE B 132 7.21 28.18 0.33
N VAL B 133 6.90 28.75 -0.85
CA VAL B 133 5.57 28.59 -1.47
C VAL B 133 5.74 27.71 -2.72
N HIS B 134 5.00 26.61 -2.76
CA HIS B 134 5.22 25.55 -3.75
C HIS B 134 4.55 25.83 -5.12
N ARG B 135 3.30 26.24 -5.05
CA ARG B 135 2.47 26.65 -6.21
C ARG B 135 1.87 25.53 -7.09
N ASP B 136 2.20 24.29 -6.82
CA ASP B 136 1.70 23.18 -7.66
C ASP B 136 1.58 21.89 -6.85
N ILE B 137 0.81 21.95 -5.76
CA ILE B 137 0.57 20.75 -4.97
C ILE B 137 -0.55 19.92 -5.59
N ALA B 138 -0.23 18.69 -5.98
CA ALA B 138 -1.15 17.84 -6.72
C ALA B 138 -0.58 16.44 -6.68
N ALA B 139 -1.42 15.43 -6.82
CA ALA B 139 -0.93 14.05 -6.72
C ALA B 139 0.11 13.73 -7.76
N ARG B 140 -0.01 14.33 -8.95
CA ARG B 140 1.00 14.16 -10.00
C ARG B 140 2.45 14.47 -9.60
N ASN B 141 2.64 15.31 -8.59
CA ASN B 141 3.96 15.69 -8.09
C ASN B 141 4.41 14.95 -6.83
N VAL B 142 3.74 13.85 -6.51
CA VAL B 142 4.09 13.00 -5.35
C VAL B 142 4.58 11.67 -5.88
N LEU B 143 5.64 11.14 -5.27
CA LEU B 143 6.21 9.86 -5.66
C LEU B 143 6.11 8.90 -4.48
N VAL B 144 6.29 7.62 -4.78
CA VAL B 144 6.13 6.56 -3.77
C VAL B 144 7.45 5.81 -3.59
N SER B 145 7.99 5.87 -2.37
CA SER B 145 9.29 5.31 -2.05
CA SER B 145 9.28 5.31 -2.04
C SER B 145 9.10 3.89 -1.51
N ALA B 146 7.96 3.68 -0.88
CA ALA B 146 7.60 2.36 -0.34
C ALA B 146 6.08 2.40 -0.16
N THR B 147 5.45 1.26 0.11
CA THR B 147 3.97 1.25 0.21
C THR B 147 3.53 2.08 1.42
N ASP B 148 4.45 2.35 2.34
CA ASP B 148 4.16 3.21 3.50
C ASP B 148 4.98 4.53 3.52
N CYS B 149 5.35 5.05 2.35
CA CYS B 149 6.18 6.25 2.34
C CYS B 149 6.04 6.95 0.98
N VAL B 150 5.47 8.14 1.03
CA VAL B 150 5.39 9.00 -0.15
C VAL B 150 6.25 10.23 0.06
N LYS B 151 6.69 10.84 -1.03
CA LYS B 151 7.55 12.01 -0.97
C LYS B 151 7.11 13.01 -2.03
N LEU B 152 7.07 14.27 -1.63
CA LEU B 152 6.96 15.36 -2.60
C LEU B 152 8.17 15.31 -3.55
N GLY B 153 7.91 15.27 -4.84
CA GLY B 153 8.99 14.98 -5.78
C GLY B 153 9.36 16.04 -6.81
N ASP B 154 8.63 17.14 -6.83
CA ASP B 154 8.75 18.13 -7.91
C ASP B 154 8.51 19.51 -7.31
N PHE B 155 9.26 20.51 -7.73
CA PHE B 155 9.05 21.91 -7.31
C PHE B 155 8.79 22.85 -8.49
N GLY B 156 8.15 22.35 -9.54
CA GLY B 156 7.77 23.18 -10.69
C GLY B 156 8.22 22.59 -12.00
N LEU B 157 9.32 21.83 -11.95
CA LEU B 157 9.94 21.33 -13.18
C LEU B 157 9.02 20.46 -14.05
N SER B 158 8.14 19.67 -13.44
CA SER B 158 7.21 18.80 -14.22
C SER B 158 6.29 19.56 -15.15
N ARG B 159 6.12 20.86 -14.90
CA ARG B 159 5.34 21.72 -15.80
C ARG B 159 6.01 21.80 -17.19
N TYR B 160 7.29 21.42 -17.26
CA TYR B 160 8.06 21.37 -18.52
C TYR B 160 8.38 19.94 -19.01
N MET B 161 8.08 18.92 -18.21
CA MET B 161 8.26 17.54 -18.63
C MET B 161 6.94 17.09 -19.28
N LEU B 174 -1.44 26.38 -16.85
CA LEU B 174 -1.52 26.36 -15.40
C LEU B 174 -2.44 25.22 -14.94
N PRO B 175 -2.23 24.72 -13.71
CA PRO B 175 -3.06 23.65 -13.14
C PRO B 175 -4.34 24.21 -12.52
N ILE B 176 -5.18 24.76 -13.38
CA ILE B 176 -6.35 25.52 -12.96
C ILE B 176 -7.23 24.73 -11.98
N LYS B 177 -7.41 23.45 -12.25
CA LYS B 177 -8.34 22.64 -11.48
C LYS B 177 -7.91 22.42 -10.04
N TRP B 178 -6.65 22.69 -9.73
CA TRP B 178 -6.07 22.55 -8.39
C TRP B 178 -5.94 23.90 -7.70
N MET B 179 -6.08 24.97 -8.45
CA MET B 179 -5.67 26.29 -7.98
C MET B 179 -6.73 26.98 -7.13
N ALA B 180 -6.27 27.77 -6.17
CA ALA B 180 -7.15 28.61 -5.33
C ALA B 180 -7.79 29.71 -6.17
N PRO B 181 -8.95 30.25 -5.74
CA PRO B 181 -9.60 31.32 -6.54
C PRO B 181 -8.72 32.55 -6.78
N GLU B 182 -7.96 32.98 -5.76
CA GLU B 182 -7.02 34.11 -5.94
C GLU B 182 -5.92 33.83 -6.96
N SER B 183 -5.57 32.55 -7.12
CA SER B 183 -4.54 32.16 -8.06
C SER B 183 -5.10 32.16 -9.48
N ILE B 184 -6.34 31.70 -9.64
CA ILE B 184 -7.00 31.74 -10.96
C ILE B 184 -7.32 33.19 -11.34
N ASN B 185 -7.87 33.95 -10.39
CA ASN B 185 -8.33 35.32 -10.65
C ASN B 185 -7.19 36.32 -10.84
N PHE B 186 -6.11 36.16 -10.06
CA PHE B 186 -5.05 37.19 -9.96
C PHE B 186 -3.61 36.74 -10.13
N ARG B 187 -3.39 35.43 -10.33
CA ARG B 187 -2.09 34.79 -10.38
C ARG B 187 -1.33 35.01 -9.06
N ARG B 188 -2.08 35.12 -7.97
CA ARG B 188 -1.53 35.29 -6.63
C ARG B 188 -1.34 33.93 -5.99
N PHE B 189 -0.11 33.60 -5.63
CA PHE B 189 0.23 32.35 -4.96
C PHE B 189 0.92 32.66 -3.61
N THR B 190 0.39 32.05 -2.56
CA THR B 190 0.89 32.28 -1.21
C THR B 190 0.86 30.96 -0.45
N SER B 191 1.35 30.96 0.79
CA SER B 191 1.17 29.77 1.64
C SER B 191 -0.29 29.33 1.76
N ALA B 192 -1.23 30.28 1.80
CA ALA B 192 -2.66 29.98 1.82
C ALA B 192 -3.17 29.32 0.54
N SER B 193 -2.69 29.74 -0.64
CA SER B 193 -3.09 29.04 -1.85
C SER B 193 -2.54 27.60 -1.90
N ASP B 194 -1.35 27.38 -1.32
CA ASP B 194 -0.80 26.01 -1.17
C ASP B 194 -1.75 25.12 -0.38
N VAL B 195 -2.34 25.66 0.67
CA VAL B 195 -3.32 24.91 1.46
C VAL B 195 -4.54 24.50 0.64
N TRP B 196 -5.06 25.40 -0.20
CA TRP B 196 -6.15 25.07 -1.08
C TRP B 196 -5.78 23.87 -1.98
N MET B 197 -4.61 23.94 -2.59
CA MET B 197 -4.16 22.91 -3.49
C MET B 197 -3.95 21.59 -2.74
N PHE B 198 -3.42 21.67 -1.53
CA PHE B 198 -3.34 20.46 -0.71
C PHE B 198 -4.71 19.80 -0.45
N GLY B 199 -5.76 20.59 -0.21
CA GLY B 199 -7.12 20.05 -0.11
C GLY B 199 -7.50 19.25 -1.34
N VAL B 200 -7.19 19.78 -2.53
CA VAL B 200 -7.45 19.04 -3.76
C VAL B 200 -6.64 17.75 -3.80
N CYS B 201 -5.36 17.85 -3.41
CA CYS B 201 -4.48 16.68 -3.37
C CYS B 201 -5.03 15.58 -2.45
N MET B 202 -5.49 15.96 -1.28
CA MET B 202 -6.11 14.98 -0.36
C MET B 202 -7.31 14.33 -1.01
N TRP B 203 -8.14 15.12 -1.69
CA TRP B 203 -9.28 14.60 -2.41
C TRP B 203 -8.86 13.55 -3.45
N GLU B 204 -7.83 13.88 -4.23
CA GLU B 204 -7.26 12.95 -5.19
C GLU B 204 -6.87 11.63 -4.56
N ILE B 205 -6.17 11.72 -3.43
CA ILE B 205 -5.69 10.53 -2.76
C ILE B 205 -6.89 9.66 -2.32
N LEU B 206 -7.89 10.28 -1.72
CA LEU B 206 -9.03 9.56 -1.17
C LEU B 206 -9.93 8.99 -2.30
N MET B 207 -9.76 9.53 -3.51
CA MET B 207 -10.39 9.05 -4.73
C MET B 207 -9.55 8.02 -5.51
N HIS B 208 -8.46 7.55 -4.93
CA HIS B 208 -7.56 6.60 -5.60
C HIS B 208 -7.05 7.08 -6.96
N GLY B 209 -6.73 8.37 -7.02
CA GLY B 209 -6.02 8.91 -8.16
C GLY B 209 -6.91 9.41 -9.29
N VAL B 210 -8.20 9.60 -9.01
CA VAL B 210 -9.10 10.26 -9.98
C VAL B 210 -8.76 11.76 -9.99
N LYS B 211 -8.71 12.37 -11.17
CA LYS B 211 -8.46 13.81 -11.27
C LYS B 211 -9.70 14.60 -10.85
N PRO B 212 -9.51 15.77 -10.26
CA PRO B 212 -10.63 16.64 -9.95
C PRO B 212 -11.21 17.24 -11.24
N PHE B 213 -12.50 17.55 -11.20
CA PHE B 213 -13.19 18.18 -12.33
C PHE B 213 -13.04 17.40 -13.65
N GLN B 214 -13.16 16.09 -13.55
CA GLN B 214 -13.10 15.18 -14.69
C GLN B 214 -14.17 15.57 -15.72
N GLY B 215 -13.74 15.81 -16.97
CA GLY B 215 -14.65 16.18 -18.05
C GLY B 215 -15.19 17.60 -17.99
N VAL B 216 -14.57 18.45 -17.18
CA VAL B 216 -14.97 19.85 -17.05
C VAL B 216 -13.91 20.77 -17.68
N LYS B 217 -14.33 21.84 -18.35
CA LYS B 217 -13.37 22.79 -18.95
C LYS B 217 -12.66 23.66 -17.90
N ASN B 218 -11.36 23.90 -18.10
CA ASN B 218 -10.63 24.75 -17.16
C ASN B 218 -11.34 26.09 -16.94
N ASN B 219 -11.87 26.66 -18.02
CA ASN B 219 -12.57 27.96 -18.01
C ASN B 219 -13.85 28.02 -17.17
N ASP B 220 -14.41 26.81 -16.89
CA ASP B 220 -15.60 26.64 -16.07
C ASP B 220 -15.34 26.47 -14.55
N VAL B 221 -14.09 26.27 -14.14
CA VAL B 221 -13.78 25.94 -12.72
C VAL B 221 -14.08 27.12 -11.80
N ILE B 222 -13.60 28.31 -12.17
CA ILE B 222 -13.72 29.47 -11.30
C ILE B 222 -15.19 29.81 -11.04
N GLY B 223 -16.02 29.68 -12.07
CA GLY B 223 -17.44 29.93 -11.93
C GLY B 223 -18.07 29.00 -10.91
N ARG B 224 -17.66 27.74 -10.93
CA ARG B 224 -18.18 26.78 -9.95
C ARG B 224 -17.72 27.15 -8.54
N ILE B 225 -16.44 27.52 -8.37
CA ILE B 225 -15.90 27.93 -7.06
C ILE B 225 -16.63 29.15 -6.49
N GLU B 226 -16.84 30.17 -7.32
CA GLU B 226 -17.49 31.40 -6.86
C GLU B 226 -18.98 31.27 -6.66
N ASN B 227 -19.56 30.18 -7.12
CA ASN B 227 -20.94 29.87 -6.79
C ASN B 227 -21.04 28.99 -5.52
N GLY B 228 -19.90 28.75 -4.86
CA GLY B 228 -19.89 27.97 -3.61
C GLY B 228 -19.78 26.46 -3.78
N GLU B 229 -19.61 26.00 -5.03
CA GLU B 229 -19.53 24.57 -5.32
C GLU B 229 -18.15 24.02 -4.94
N ARG B 230 -18.11 22.80 -4.40
CA ARG B 230 -16.83 22.18 -4.01
C ARG B 230 -16.82 20.73 -4.44
N LEU B 231 -15.63 20.17 -4.65
CA LEU B 231 -15.50 18.73 -4.89
C LEU B 231 -16.22 17.93 -3.81
N PRO B 232 -16.95 16.86 -4.19
CA PRO B 232 -17.79 16.14 -3.20
C PRO B 232 -17.01 15.18 -2.31
N MET B 233 -17.62 14.73 -1.22
CA MET B 233 -16.96 13.79 -0.31
C MET B 233 -16.72 12.45 -0.99
N PRO B 234 -15.44 12.03 -1.09
CA PRO B 234 -15.17 10.73 -1.68
C PRO B 234 -15.87 9.58 -0.94
N PRO B 235 -16.27 8.52 -1.65
CA PRO B 235 -16.83 7.37 -0.94
C PRO B 235 -15.83 6.82 0.08
N ASN B 236 -16.35 6.41 1.23
CA ASN B 236 -15.52 5.90 2.35
C ASN B 236 -14.63 6.95 3.04
N CYS B 237 -14.70 8.22 2.62
CA CYS B 237 -13.88 9.24 3.29
C CYS B 237 -14.56 9.58 4.60
N PRO B 238 -13.82 9.53 5.73
CA PRO B 238 -14.40 9.91 7.01
C PRO B 238 -14.89 11.34 6.94
N PRO B 239 -16.09 11.63 7.46
CA PRO B 239 -16.57 13.02 7.43
C PRO B 239 -15.61 14.04 8.08
N THR B 240 -14.89 13.66 9.14
CA THR B 240 -13.90 14.56 9.75
C THR B 240 -12.78 14.97 8.78
N LEU B 241 -12.41 14.07 7.90
CA LEU B 241 -11.36 14.32 6.93
C LEU B 241 -11.92 15.20 5.80
N TYR B 242 -13.17 14.97 5.41
CA TYR B 242 -13.78 15.83 4.40
C TYR B 242 -13.95 17.25 4.94
N SER B 243 -14.25 17.36 6.23
CA SER B 243 -14.35 18.66 6.88
C SER B 243 -13.03 19.44 6.75
N LEU B 244 -11.91 18.73 6.89
CA LEU B 244 -10.58 19.30 6.71
C LEU B 244 -10.40 19.83 5.30
N MET B 245 -10.75 19.00 4.31
CA MET B 245 -10.72 19.44 2.90
C MET B 245 -11.52 20.73 2.72
N THR B 246 -12.72 20.76 3.28
CA THR B 246 -13.60 21.93 3.14
C THR B 246 -13.03 23.20 3.77
N LYS B 247 -12.30 23.07 4.87
CA LYS B 247 -11.57 24.20 5.46
C LYS B 247 -10.44 24.73 4.58
N CYS B 248 -9.77 23.83 3.88
CA CYS B 248 -8.71 24.19 2.93
C CYS B 248 -9.29 25.02 1.79
N TRP B 249 -10.59 24.84 1.53
CA TRP B 249 -11.27 25.47 0.40
C TRP B 249 -12.14 26.67 0.81
N ALA B 250 -11.73 27.35 1.88
CA ALA B 250 -12.32 28.65 2.20
C ALA B 250 -11.99 29.64 1.07
N TYR B 251 -12.99 30.33 0.54
CA TYR B 251 -12.70 31.34 -0.48
C TYR B 251 -11.73 32.41 0.02
N ASP B 252 -11.95 32.88 1.24
CA ASP B 252 -11.07 33.85 1.89
C ASP B 252 -9.78 33.15 2.37
N PRO B 253 -8.63 33.46 1.73
CA PRO B 253 -7.37 32.79 2.11
C PRO B 253 -7.00 32.90 3.60
N SER B 254 -7.32 34.04 4.21
CA SER B 254 -7.05 34.29 5.63
C SER B 254 -7.80 33.33 6.58
N ARG B 255 -8.84 32.66 6.09
CA ARG B 255 -9.62 31.70 6.89
C ARG B 255 -9.17 30.26 6.71
N ARG B 256 -8.20 30.02 5.83
CA ARG B 256 -7.66 28.67 5.65
C ARG B 256 -6.69 28.32 6.78
N PRO B 257 -6.67 27.03 7.19
CA PRO B 257 -5.66 26.64 8.19
C PRO B 257 -4.23 26.72 7.67
N ARG B 258 -3.28 26.67 8.59
CA ARG B 258 -1.91 26.45 8.20
C ARG B 258 -1.58 24.93 8.25
N PHE B 259 -0.45 24.56 7.67
CA PHE B 259 -0.04 23.16 7.55
C PHE B 259 0.27 22.57 8.92
N THR B 260 0.78 23.35 9.85
CA THR B 260 0.99 22.83 11.23
C THR B 260 -0.33 22.27 11.82
N GLU B 261 -1.44 23.00 11.66
CA GLU B 261 -2.73 22.56 12.19
C GLU B 261 -3.23 21.36 11.38
N LEU B 262 -3.07 21.40 10.05
CA LEU B 262 -3.54 20.28 9.26
C LEU B 262 -2.82 18.97 9.64
N LYS B 263 -1.51 19.07 9.84
CA LYS B 263 -0.68 17.92 10.26
C LYS B 263 -1.19 17.31 11.58
N ALA B 264 -1.46 18.18 12.54
CA ALA B 264 -1.95 17.74 13.85
C ALA B 264 -3.31 17.06 13.71
N GLN B 265 -4.20 17.67 12.93
CA GLN B 265 -5.52 17.11 12.72
C GLN B 265 -5.46 15.78 11.97
N LEU B 266 -4.59 15.70 10.94
CA LEU B 266 -4.41 14.46 10.19
C LEU B 266 -3.84 13.35 11.10
N SER B 267 -2.94 13.71 12.01
CA SER B 267 -2.41 12.70 12.96
C SER B 267 -3.55 12.08 13.80
N THR B 268 -4.48 12.90 14.23
CA THR B 268 -5.64 12.45 15.03
C THR B 268 -6.57 11.55 14.21
N ILE B 269 -6.84 11.98 12.98
CA ILE B 269 -7.67 11.18 12.08
C ILE B 269 -7.02 9.81 11.79
N LEU B 270 -5.72 9.80 11.58
CA LEU B 270 -4.99 8.57 11.28
C LEU B 270 -5.11 7.61 12.48
N GLU B 271 -4.96 8.17 13.68
CA GLU B 271 -5.04 7.33 14.90
C GLU B 271 -6.44 6.78 15.16
N GLU B 272 -7.47 7.56 14.85
CA GLU B 272 -8.86 7.11 14.94
C GLU B 272 -9.15 5.97 13.97
N GLU B 273 -8.59 6.03 12.76
CA GLU B 273 -8.79 4.94 11.80
C GLU B 273 -8.08 3.65 12.23
N LYS B 274 -6.89 3.79 12.78
CA LYS B 274 -6.11 2.64 13.20
C LYS B 274 -6.72 1.94 14.41
N LEU B 275 -7.72 2.57 15.04
CA LEU B 275 -8.53 1.97 16.13
C LEU B 275 -9.78 1.23 15.59
N GLN B 276 -9.78 0.97 14.29
CA GLN B 276 -10.83 0.23 13.61
C GLN B 276 -10.20 -0.87 12.79
CAA 9RM C . 4.90 -14.67 1.32
OAB 9RM C . 3.89 -14.43 -3.77
FAC 9RM C . 0.56 -8.25 -2.25
FAD 9RM C . 2.45 -9.09 -3.09
FAE 9RM C . 0.69 -10.39 -2.78
CAF 9RM C . 2.00 -9.37 1.45
CAG 9RM C . 2.75 -10.55 1.55
CAH 9RM C . 1.55 -8.94 0.19
CAI 9RM C . 2.56 -10.84 -0.83
NAJ 9RM C . 4.93 -15.52 -0.87
NAK 9RM C . 3.76 -13.28 -1.81
NAL 9RM C . 3.77 -12.41 0.56
NAM 9RM C . 4.69 -15.49 -1.99
CAN 9RM C . 4.62 -14.53 -0.01
CAO 9RM C . 3.03 -11.30 0.41
CAP 9RM C . 1.83 -9.68 -0.96
CAQ 9RM C . 4.02 -13.34 -0.44
CAR 9RM C . 4.12 -14.41 -2.57
CAS 9RM C . 1.38 -9.33 -2.26
S SO4 D . -6.23 -29.18 21.53
O1 SO4 D . -6.66 -30.59 21.46
O2 SO4 D . -4.78 -29.11 21.78
O3 SO4 D . -6.91 -28.54 22.66
O4 SO4 D . -6.52 -28.42 20.30
S SO4 E . -10.98 0.11 4.71
O1 SO4 E . -11.48 -1.24 4.35
O2 SO4 E . -9.91 -0.05 5.72
O3 SO4 E . -12.05 0.93 5.28
O4 SO4 E . -10.45 0.74 3.47
S SO4 F . -4.70 9.25 -16.43
O1 SO4 F . -4.91 8.99 -17.88
O2 SO4 F . -3.98 8.11 -15.80
O3 SO4 F . -6.02 9.42 -15.79
O4 SO4 F . -3.87 10.47 -16.25
S SO4 G . 8.58 16.18 10.99
O1 SO4 G . 9.64 15.16 10.75
O2 SO4 G . 9.17 17.22 11.86
O3 SO4 G . 7.37 15.57 11.63
O4 SO4 G . 8.19 16.79 9.73
#